data_7G82
#
_entry.id   7G82
#
_cell.length_a   71.207
_cell.length_b   71.207
_cell.length_c   196.600
_cell.angle_alpha   90.000
_cell.angle_beta   90.000
_cell.angle_gamma   90.000
#
_symmetry.space_group_name_H-M   'P 43 21 2'
#
loop_
_entity.id
_entity.type
_entity.pdbx_description
1 polymer 'Transforming protein RhoA'
2 polymer 'Rho guanine nucleotide exchange factor 2'
3 non-polymer 6-methyl-2-[(3-methyl-1,2-oxazol-5-yl)methyl]pyridazin-3(2H)-one
4 non-polymer 'DIMETHYL SULFOXIDE'
5 non-polymer 'FORMIC ACID'
6 water water
#
loop_
_entity_poly.entity_id
_entity_poly.type
_entity_poly.pdbx_seq_one_letter_code
_entity_poly.pdbx_strand_id
1 'polypeptide(L)'
;SMAAIRKKLVIVGDGACGKTCLLIVFSKDQFPEVYVPTVFENYVADIEVDGKQVELALWDTAGQEDYDRLRPLSYPDTDV
ILMCFSIDSPDSLENIPEKWTPEVKHFCPNVPIILVGNKKDLRNDEHTRRELAKMKQEPVKPEEGRDMANRIGAFGYMEC
SAKTKDGVREVFEMATRAALQARRG
;
A
2 'polypeptide(L)'
;SMEMDEKDFAADSWSLAVDSSFLQQHKKEVMKQQDVIYELIQTELHHVRTLKIMTRLFRTGMLEELHLEPGVVQGLFPCV
DELSDIHTRFLSQLLERRRQALCPGSTRNFVIHRLGDLLISQFSGPSAEQMCKTYSEFCSRHSKALKLYKELYARDKRFQ
QFIRKVTRPAVLKRHGVQECILLVTQRITKYPLLISRILQHSHGIEEERQDLTTALGLVKELLSNVDEGIYQLEKGARLQ
EIYNR
;
B
#
loop_
_chem_comp.id
_chem_comp.type
_chem_comp.name
_chem_comp.formula
DMS non-polymer 'DIMETHYL SULFOXIDE' 'C2 H6 O S'
FMT non-polymer 'FORMIC ACID' 'C H2 O2'
UWS non-polymer 6-methyl-2-[(3-methyl-1,2-oxazol-5-yl)methyl]pyridazin-3(2H)-one 'C10 H11 N3 O2'
#
# COMPACT_ATOMS: atom_id res chain seq x y z
N ALA A 4 -18.00 -15.53 8.73
CA ALA A 4 -16.86 -15.40 7.82
C ALA A 4 -15.54 -15.23 8.58
N ILE A 5 -14.65 -16.20 8.43
CA ILE A 5 -13.33 -16.14 9.05
C ILE A 5 -12.46 -15.18 8.22
N ARG A 6 -11.53 -14.48 8.89
CA ARG A 6 -10.65 -13.51 8.22
C ARG A 6 -9.32 -14.18 7.87
N LYS A 7 -8.83 -13.97 6.64
CA LYS A 7 -7.53 -14.50 6.20
C LYS A 7 -6.77 -13.37 5.51
N LYS A 8 -5.44 -13.45 5.48
CA LYS A 8 -4.60 -12.39 4.91
C LYS A 8 -3.79 -12.93 3.73
N LEU A 9 -3.83 -12.19 2.60
CA LEU A 9 -3.09 -12.53 1.40
C LEU A 9 -2.09 -11.39 1.11
N VAL A 10 -0.86 -11.73 0.72
CA VAL A 10 0.15 -10.77 0.30
C VAL A 10 0.66 -11.19 -1.07
N ILE A 11 0.83 -10.23 -1.99
CA ILE A 11 1.38 -10.54 -3.29
CA ILE A 11 1.39 -10.52 -3.31
C ILE A 11 2.81 -9.99 -3.38
N VAL A 12 3.71 -10.85 -3.87
CA VAL A 12 5.11 -10.47 -4.00
CA VAL A 12 5.13 -10.63 -3.94
C VAL A 12 5.57 -10.76 -5.42
N GLY A 13 6.68 -10.13 -5.81
CA GLY A 13 7.21 -10.26 -7.15
C GLY A 13 7.93 -8.99 -7.57
N ASP A 14 8.63 -9.05 -8.70
CA ASP A 14 9.37 -7.87 -9.17
C ASP A 14 8.45 -6.71 -9.53
N GLY A 15 9.02 -5.51 -9.59
CA GLY A 15 8.25 -4.32 -9.96
C GLY A 15 7.46 -4.43 -11.25
N ALA A 16 7.94 -5.19 -12.25
CA ALA A 16 7.23 -5.31 -13.54
C ALA A 16 6.32 -6.55 -13.67
N CYS A 17 6.00 -7.24 -12.56
CA CYS A 17 5.21 -8.45 -12.63
C CYS A 17 3.70 -8.22 -12.79
N GLY A 18 3.21 -7.00 -12.57
CA GLY A 18 1.78 -6.73 -12.68
C GLY A 18 0.95 -6.98 -11.43
N LYS A 19 1.61 -7.11 -10.25
CA LYS A 19 0.88 -7.41 -9.03
CA LYS A 19 0.88 -7.39 -9.01
C LYS A 19 -0.14 -6.33 -8.64
N THR A 20 0.22 -5.04 -8.83
CA THR A 20 -0.73 -3.98 -8.44
C THR A 20 -1.98 -4.04 -9.32
N CYS A 21 -1.79 -4.18 -10.63
CA CYS A 21 -2.91 -4.26 -11.55
CA CYS A 21 -2.93 -4.25 -11.54
C CYS A 21 -3.81 -5.45 -11.24
N LEU A 22 -3.20 -6.59 -10.87
CA LEU A 22 -3.97 -7.77 -10.55
C LEU A 22 -4.90 -7.52 -9.34
N LEU A 23 -4.36 -6.88 -8.26
CA LEU A 23 -5.20 -6.60 -7.09
C LEU A 23 -6.32 -5.59 -7.46
N ILE A 24 -6.00 -4.60 -8.29
CA ILE A 24 -6.99 -3.58 -8.67
C ILE A 24 -8.14 -4.21 -9.45
N VAL A 25 -7.79 -5.06 -10.44
CA VAL A 25 -8.84 -5.68 -11.27
C VAL A 25 -9.72 -6.62 -10.46
N PHE A 26 -9.11 -7.43 -9.57
CA PHE A 26 -9.93 -8.33 -8.75
C PHE A 26 -10.87 -7.54 -7.82
N SER A 27 -10.33 -6.49 -7.14
CA SER A 27 -11.11 -5.75 -6.15
C SER A 27 -12.25 -4.95 -6.76
N LYS A 28 -12.14 -4.57 -8.05
CA LYS A 28 -13.23 -3.86 -8.72
C LYS A 28 -14.08 -4.77 -9.62
N ASP A 29 -13.63 -6.03 -9.90
CA ASP A 29 -14.21 -6.94 -10.90
C ASP A 29 -14.29 -6.20 -12.25
N GLN A 30 -13.23 -5.45 -12.59
CA GLN A 30 -13.22 -4.62 -13.80
C GLN A 30 -11.81 -4.12 -14.08
N PHE A 31 -11.42 -4.06 -15.36
CA PHE A 31 -10.17 -3.40 -15.72
C PHE A 31 -10.63 -1.93 -15.90
N PRO A 32 -10.09 -0.98 -15.12
CA PRO A 32 -10.56 0.42 -15.21
C PRO A 32 -10.63 0.99 -16.62
N GLU A 33 -11.77 1.58 -16.96
CA GLU A 33 -11.95 2.13 -18.31
C GLU A 33 -11.43 3.54 -18.48
N VAL A 34 -11.30 4.31 -17.37
CA VAL A 34 -10.90 5.71 -17.47
C VAL A 34 -9.50 5.96 -16.91
N TYR A 35 -9.21 5.43 -15.72
CA TYR A 35 -7.92 5.66 -15.09
C TYR A 35 -7.49 4.42 -14.35
N VAL A 36 -6.26 3.94 -14.61
CA VAL A 36 -5.77 2.78 -13.88
C VAL A 36 -4.93 3.35 -12.72
N PRO A 37 -5.31 3.06 -11.48
CA PRO A 37 -4.53 3.57 -10.33
C PRO A 37 -3.05 3.19 -10.34
N THR A 38 -2.23 4.11 -9.84
CA THR A 38 -0.80 3.86 -9.69
C THR A 38 -0.53 2.94 -8.50
N VAL A 39 -1.33 3.13 -7.41
CA VAL A 39 -1.09 2.35 -6.20
C VAL A 39 -2.36 1.64 -5.69
N PHE A 40 -2.16 0.67 -4.79
CA PHE A 40 -3.25 -0.07 -4.18
C PHE A 40 -3.04 0.07 -2.64
N GLU A 41 -4.10 0.48 -1.90
CA GLU A 41 -3.97 0.69 -0.43
C GLU A 41 -4.14 -0.69 0.26
N ASN A 42 -5.39 -1.14 0.38
CA ASN A 42 -5.70 -2.51 0.82
C ASN A 42 -7.17 -2.75 0.42
N TYR A 43 -7.68 -3.93 0.70
CA TYR A 43 -9.07 -4.23 0.41
C TYR A 43 -9.42 -5.47 1.19
N VAL A 44 -10.69 -5.64 1.56
CA VAL A 44 -11.11 -6.89 2.22
C VAL A 44 -12.21 -7.47 1.35
N ALA A 45 -11.90 -8.56 0.61
CA ALA A 45 -12.86 -9.17 -0.31
C ALA A 45 -13.77 -10.17 0.39
N ASP A 46 -15.09 -10.19 0.06
CA ASP A 46 -15.98 -11.22 0.63
C ASP A 46 -15.98 -12.32 -0.42
N ILE A 47 -15.45 -13.50 -0.07
CA ILE A 47 -15.32 -14.61 -1.01
CA ILE A 47 -15.40 -14.59 -1.04
C ILE A 47 -16.01 -15.84 -0.44
N GLU A 48 -16.80 -16.57 -1.24
CA GLU A 48 -17.37 -17.83 -0.78
CA GLU A 48 -17.38 -17.83 -0.79
C GLU A 48 -16.79 -18.89 -1.70
N VAL A 49 -15.99 -19.83 -1.14
CA VAL A 49 -15.34 -20.83 -1.98
C VAL A 49 -15.68 -22.20 -1.42
N ASP A 50 -16.25 -23.07 -2.27
CA ASP A 50 -16.63 -24.42 -1.86
C ASP A 50 -17.52 -24.42 -0.60
N GLY A 51 -18.44 -23.46 -0.54
CA GLY A 51 -19.40 -23.35 0.55
C GLY A 51 -18.91 -22.63 1.79
N LYS A 52 -17.64 -22.19 1.80
CA LYS A 52 -17.09 -21.49 2.97
C LYS A 52 -16.95 -20.00 2.75
N GLN A 53 -17.43 -19.18 3.71
CA GLN A 53 -17.34 -17.72 3.60
CA GLN A 53 -17.33 -17.73 3.59
C GLN A 53 -16.08 -17.20 4.26
N VAL A 54 -15.31 -16.37 3.53
CA VAL A 54 -14.07 -15.80 4.06
C VAL A 54 -14.03 -14.31 3.78
N GLU A 55 -13.43 -13.54 4.72
CA GLU A 55 -13.11 -12.14 4.47
C GLU A 55 -11.60 -12.20 4.17
N LEU A 56 -11.21 -11.95 2.93
CA LEU A 56 -9.81 -12.07 2.52
C LEU A 56 -9.17 -10.67 2.37
N ALA A 57 -8.30 -10.30 3.32
CA ALA A 57 -7.60 -9.00 3.26
C ALA A 57 -6.48 -9.09 2.24
N LEU A 58 -6.38 -8.10 1.34
CA LEU A 58 -5.40 -8.12 0.24
C LEU A 58 -4.38 -7.03 0.43
N TRP A 59 -3.08 -7.36 0.25
CA TRP A 59 -1.99 -6.40 0.38
C TRP A 59 -0.99 -6.54 -0.77
N ASP A 60 -0.44 -5.39 -1.20
CA ASP A 60 0.57 -5.29 -2.26
C ASP A 60 1.93 -4.96 -1.59
N THR A 61 3.03 -5.42 -2.19
CA THR A 61 4.38 -5.07 -1.71
C THR A 61 5.06 -4.09 -2.70
N ALA A 62 4.32 -3.57 -3.71
CA ALA A 62 4.88 -2.63 -4.68
C ALA A 62 5.42 -1.38 -3.94
N GLY A 63 6.60 -0.95 -4.34
CA GLY A 63 7.29 0.18 -3.72
C GLY A 63 8.25 -0.24 -2.62
N GLN A 64 8.13 -1.52 -2.14
CA GLN A 64 9.03 -1.97 -1.05
C GLN A 64 10.21 -2.84 -1.56
N GLU A 65 10.30 -3.08 -2.89
CA GLU A 65 11.32 -3.97 -3.45
C GLU A 65 12.77 -3.56 -3.11
N ASP A 66 13.05 -2.24 -2.99
CA ASP A 66 14.45 -1.82 -2.70
C ASP A 66 14.75 -1.64 -1.20
N TYR A 67 13.76 -1.91 -0.31
CA TYR A 67 13.88 -1.60 1.12
C TYR A 67 13.76 -2.87 1.96
N ASP A 68 14.91 -3.51 2.23
CA ASP A 68 14.92 -4.83 2.84
C ASP A 68 14.47 -4.91 4.31
N ARG A 69 14.44 -3.79 5.03
CA ARG A 69 13.96 -3.81 6.41
C ARG A 69 12.49 -3.34 6.47
N LEU A 70 12.04 -2.51 5.47
CA LEU A 70 10.62 -2.12 5.48
C LEU A 70 9.75 -3.26 4.92
N ARG A 71 10.20 -3.90 3.83
CA ARG A 71 9.40 -4.90 3.14
C ARG A 71 8.88 -6.01 4.02
N PRO A 72 9.72 -6.64 4.89
CA PRO A 72 9.20 -7.73 5.73
C PRO A 72 8.08 -7.34 6.68
N LEU A 73 7.88 -6.03 6.93
CA LEU A 73 6.77 -5.64 7.80
C LEU A 73 5.40 -5.96 7.17
N SER A 74 5.37 -6.25 5.86
CA SER A 74 4.14 -6.63 5.20
C SER A 74 3.77 -8.13 5.49
N TYR A 75 4.74 -8.95 5.98
CA TYR A 75 4.49 -10.38 6.11
C TYR A 75 3.80 -10.93 7.38
N PRO A 76 3.83 -10.29 8.58
CA PRO A 76 3.21 -10.94 9.75
C PRO A 76 1.80 -11.48 9.54
N ASP A 77 1.60 -12.73 9.99
CA ASP A 77 0.31 -13.40 9.96
C ASP A 77 -0.31 -13.52 8.59
N THR A 78 0.55 -13.66 7.56
CA THR A 78 0.03 -13.94 6.22
C THR A 78 -0.48 -15.40 6.18
N ASP A 79 -1.63 -15.63 5.53
CA ASP A 79 -2.21 -16.97 5.38
C ASP A 79 -1.96 -17.58 3.99
N VAL A 80 -1.73 -16.73 2.97
CA VAL A 80 -1.46 -17.22 1.62
C VAL A 80 -0.60 -16.19 0.90
N ILE A 81 0.42 -16.65 0.15
CA ILE A 81 1.25 -15.78 -0.68
C ILE A 81 0.95 -16.01 -2.16
N LEU A 82 0.73 -14.92 -2.92
CA LEU A 82 0.72 -15.01 -4.37
C LEU A 82 2.12 -14.54 -4.81
N MET A 83 2.87 -15.41 -5.46
CA MET A 83 4.21 -15.06 -5.92
CA MET A 83 4.24 -15.14 -5.92
C MET A 83 4.11 -14.89 -7.42
N CYS A 84 4.25 -13.65 -7.86
CA CYS A 84 3.99 -13.25 -9.19
CA CYS A 84 3.98 -13.27 -9.26
C CYS A 84 5.20 -13.07 -10.11
N PHE A 85 5.04 -13.37 -11.40
CA PHE A 85 6.01 -13.06 -12.46
C PHE A 85 5.18 -12.68 -13.69
N SER A 86 5.78 -11.99 -14.68
CA SER A 86 5.03 -11.70 -15.89
C SER A 86 5.46 -12.65 -17.00
N ILE A 87 4.50 -13.22 -17.75
CA ILE A 87 4.80 -14.11 -18.87
C ILE A 87 5.58 -13.36 -19.99
N ASP A 88 5.45 -12.01 -20.07
CA ASP A 88 6.25 -11.24 -21.04
C ASP A 88 7.66 -10.92 -20.52
N SER A 89 8.06 -11.47 -19.36
CA SER A 89 9.35 -11.18 -18.78
C SER A 89 10.02 -12.41 -18.19
N PRO A 90 10.78 -13.16 -18.98
CA PRO A 90 11.55 -14.30 -18.42
C PRO A 90 12.46 -13.86 -17.25
N ASP A 91 12.94 -12.59 -17.26
CA ASP A 91 13.78 -12.04 -16.17
C ASP A 91 13.01 -12.06 -14.82
N SER A 92 11.71 -11.75 -14.85
CA SER A 92 10.90 -11.76 -13.61
C SER A 92 10.75 -13.19 -13.06
N LEU A 93 10.76 -14.21 -13.96
CA LEU A 93 10.64 -15.61 -13.53
C LEU A 93 11.99 -16.07 -12.92
N GLU A 94 13.12 -15.61 -13.47
CA GLU A 94 14.45 -15.98 -12.98
C GLU A 94 14.72 -15.50 -11.53
N ASN A 95 14.14 -14.39 -11.12
CA ASN A 95 14.28 -13.86 -9.76
C ASN A 95 13.42 -14.58 -8.71
N ILE A 96 12.53 -15.49 -9.16
CA ILE A 96 11.68 -16.21 -8.22
C ILE A 96 12.46 -17.16 -7.28
N PRO A 97 13.30 -18.09 -7.77
CA PRO A 97 13.80 -19.16 -6.88
C PRO A 97 14.84 -18.79 -5.83
N GLU A 98 15.71 -17.85 -6.12
CA GLU A 98 16.77 -17.53 -5.19
C GLU A 98 16.68 -16.10 -4.62
N LYS A 99 15.64 -15.31 -4.95
CA LYS A 99 15.44 -14.02 -4.31
C LYS A 99 14.11 -14.04 -3.51
N TRP A 100 12.97 -14.11 -4.23
CA TRP A 100 11.69 -14.10 -3.56
C TRP A 100 11.38 -15.32 -2.72
N THR A 101 11.71 -16.52 -3.24
CA THR A 101 11.34 -17.75 -2.52
C THR A 101 12.06 -17.86 -1.16
N PRO A 102 13.39 -17.70 -1.03
CA PRO A 102 14.00 -17.83 0.31
C PRO A 102 13.49 -16.76 1.27
N GLU A 103 13.12 -15.55 0.74
CA GLU A 103 12.60 -14.50 1.63
C GLU A 103 11.25 -14.92 2.20
N VAL A 104 10.32 -15.34 1.35
CA VAL A 104 9.00 -15.73 1.82
C VAL A 104 9.06 -16.95 2.71
N LYS A 105 9.95 -17.90 2.40
CA LYS A 105 10.05 -19.09 3.26
C LYS A 105 10.56 -18.73 4.65
N HIS A 106 11.39 -17.69 4.76
CA HIS A 106 11.97 -17.31 6.05
C HIS A 106 10.93 -16.59 6.92
N PHE A 107 10.23 -15.56 6.32
CA PHE A 107 9.27 -14.73 7.06
C PHE A 107 7.85 -15.32 7.17
N CYS A 108 7.50 -16.28 6.28
CA CYS A 108 6.17 -16.92 6.24
C CYS A 108 6.35 -18.45 6.22
N PRO A 109 6.97 -19.02 7.26
CA PRO A 109 7.19 -20.47 7.24
C PRO A 109 5.87 -21.25 7.17
N ASN A 110 5.84 -22.27 6.32
CA ASN A 110 4.68 -23.14 6.15
C ASN A 110 3.45 -22.47 5.53
N VAL A 111 3.58 -21.23 5.02
CA VAL A 111 2.44 -20.57 4.38
C VAL A 111 2.40 -21.02 2.94
N PRO A 112 1.22 -21.41 2.40
CA PRO A 112 1.19 -21.85 1.00
C PRO A 112 1.52 -20.73 0.04
N ILE A 113 2.28 -21.05 -1.02
CA ILE A 113 2.65 -20.11 -2.08
C ILE A 113 1.98 -20.56 -3.37
N ILE A 114 1.26 -19.66 -4.05
CA ILE A 114 0.76 -19.99 -5.37
C ILE A 114 1.60 -19.17 -6.35
N LEU A 115 2.27 -19.84 -7.33
CA LEU A 115 3.08 -19.12 -8.31
C LEU A 115 2.10 -18.72 -9.42
N VAL A 116 2.05 -17.41 -9.76
CA VAL A 116 1.07 -16.90 -10.72
C VAL A 116 1.81 -16.23 -11.87
N GLY A 117 1.54 -16.72 -13.09
CA GLY A 117 2.07 -16.11 -14.29
C GLY A 117 1.05 -15.07 -14.75
N ASN A 118 1.40 -13.78 -14.62
CA ASN A 118 0.52 -12.67 -15.02
CA ASN A 118 0.47 -12.71 -15.04
C ASN A 118 0.72 -12.32 -16.51
N LYS A 119 -0.20 -11.47 -17.06
CA LYS A 119 -0.09 -11.01 -18.44
C LYS A 119 -0.05 -12.16 -19.46
N LYS A 120 -0.89 -13.18 -19.23
CA LYS A 120 -0.87 -14.34 -20.14
C LYS A 120 -1.31 -13.99 -21.58
N ASP A 121 -2.06 -12.88 -21.73
CA ASP A 121 -2.53 -12.38 -23.02
C ASP A 121 -1.33 -11.94 -23.92
N LEU A 122 -0.12 -11.76 -23.36
CA LEU A 122 1.06 -11.34 -24.14
C LEU A 122 1.89 -12.51 -24.69
N ARG A 123 1.55 -13.77 -24.32
CA ARG A 123 2.28 -14.94 -24.77
C ARG A 123 2.28 -15.05 -26.31
N ASN A 124 1.16 -14.67 -26.94
CA ASN A 124 1.02 -14.71 -28.38
C ASN A 124 0.91 -13.30 -29.02
N ASP A 125 1.42 -12.27 -28.32
CA ASP A 125 1.39 -10.90 -28.83
C ASP A 125 2.65 -10.66 -29.69
N GLU A 126 2.45 -10.24 -30.95
CA GLU A 126 3.56 -10.04 -31.88
C GLU A 126 4.59 -9.01 -31.41
N HIS A 127 4.13 -7.86 -30.90
CA HIS A 127 5.04 -6.85 -30.38
C HIS A 127 5.94 -7.39 -29.27
N THR A 128 5.36 -8.15 -28.31
CA THR A 128 6.14 -8.76 -27.23
C THR A 128 7.18 -9.73 -27.77
N ARG A 129 6.80 -10.61 -28.70
CA ARG A 129 7.72 -11.58 -29.26
C ARG A 129 8.89 -10.91 -29.99
N ARG A 130 8.64 -9.75 -30.61
CA ARG A 130 9.68 -9.01 -31.32
C ARG A 130 10.65 -8.37 -30.33
N GLU A 131 10.14 -7.64 -29.33
CA GLU A 131 10.98 -7.00 -28.32
C GLU A 131 11.85 -8.01 -27.57
N LEU A 132 11.27 -9.16 -27.16
CA LEU A 132 12.01 -10.21 -26.44
C LEU A 132 13.11 -10.87 -27.29
N ALA A 133 12.83 -11.11 -28.59
CA ALA A 133 13.81 -11.72 -29.50
C ALA A 133 15.11 -10.92 -29.65
N LYS A 134 15.08 -9.59 -29.40
CA LYS A 134 16.29 -8.77 -29.46
C LYS A 134 17.27 -9.13 -28.32
N MET A 135 16.74 -9.66 -27.18
CA MET A 135 17.57 -10.11 -26.06
C MET A 135 17.73 -11.64 -26.02
N LYS A 136 17.49 -12.33 -27.16
CA LYS A 136 17.57 -13.78 -27.29
C LYS A 136 16.58 -14.45 -26.31
N GLN A 137 15.38 -13.87 -26.20
CA GLN A 137 14.37 -14.38 -25.27
C GLN A 137 13.02 -14.65 -25.97
N GLU A 138 12.08 -15.29 -25.25
CA GLU A 138 10.72 -15.52 -25.73
C GLU A 138 9.75 -15.51 -24.53
N PRO A 139 8.43 -15.31 -24.72
CA PRO A 139 7.52 -15.35 -23.56
C PRO A 139 7.64 -16.67 -22.80
N VAL A 140 7.39 -16.62 -21.49
CA VAL A 140 7.48 -17.80 -20.64
C VAL A 140 6.48 -18.86 -21.11
N LYS A 141 6.94 -20.10 -21.29
CA LYS A 141 6.10 -21.22 -21.70
C LYS A 141 5.35 -21.78 -20.47
N PRO A 142 4.14 -22.34 -20.64
CA PRO A 142 3.43 -22.89 -19.45
C PRO A 142 4.24 -23.94 -18.69
N GLU A 143 4.97 -24.81 -19.40
CA GLU A 143 5.81 -25.80 -18.71
C GLU A 143 6.92 -25.17 -17.92
N GLU A 144 7.45 -24.00 -18.36
CA GLU A 144 8.48 -23.33 -17.58
C GLU A 144 7.89 -22.80 -16.28
N GLY A 145 6.67 -22.28 -16.34
CA GLY A 145 5.99 -21.82 -15.13
C GLY A 145 5.69 -22.97 -14.18
N ARG A 146 5.11 -24.08 -14.71
CA ARG A 146 4.82 -25.25 -13.85
C ARG A 146 6.09 -25.82 -13.23
N ASP A 147 7.17 -25.95 -14.02
CA ASP A 147 8.41 -26.49 -13.47
C ASP A 147 9.00 -25.62 -12.39
N MET A 148 8.88 -24.29 -12.54
CA MET A 148 9.41 -23.41 -11.48
C MET A 148 8.55 -23.59 -10.21
N ALA A 149 7.20 -23.66 -10.37
CA ALA A 149 6.32 -23.85 -9.21
C ALA A 149 6.65 -25.14 -8.49
N ASN A 150 6.93 -26.20 -9.27
CA ASN A 150 7.25 -27.50 -8.71
C ASN A 150 8.56 -27.41 -7.89
N ARG A 151 9.60 -26.82 -8.49
CA ARG A 151 10.93 -26.69 -7.88
C ARG A 151 10.91 -25.89 -6.56
N ILE A 152 10.17 -24.78 -6.54
CA ILE A 152 10.13 -23.92 -5.34
C ILE A 152 9.21 -24.42 -4.22
N GLY A 153 8.51 -25.56 -4.41
CA GLY A 153 7.62 -26.05 -3.37
C GLY A 153 6.28 -25.30 -3.31
N ALA A 154 5.86 -24.74 -4.47
CA ALA A 154 4.58 -24.01 -4.50
C ALA A 154 3.39 -24.97 -4.30
N PHE A 155 2.31 -24.48 -3.65
CA PHE A 155 1.05 -25.19 -3.51
C PHE A 155 0.47 -25.49 -4.91
N GLY A 156 0.67 -24.58 -5.85
CA GLY A 156 0.22 -24.79 -7.21
C GLY A 156 0.63 -23.65 -8.14
N TYR A 157 0.35 -23.84 -9.45
CA TYR A 157 0.72 -22.88 -10.50
C TYR A 157 -0.54 -22.46 -11.24
N MET A 158 -0.70 -21.12 -11.42
CA MET A 158 -1.88 -20.62 -12.13
C MET A 158 -1.47 -19.47 -13.05
N GLU A 159 -2.27 -19.19 -14.09
CA GLU A 159 -2.00 -18.07 -15.01
C GLU A 159 -3.23 -17.16 -15.10
N CYS A 160 -3.00 -15.88 -15.36
CA CYS A 160 -4.13 -14.96 -15.52
C CYS A 160 -3.76 -13.78 -16.36
N SER A 161 -4.79 -12.99 -16.76
CA SER A 161 -4.57 -11.75 -17.48
C SER A 161 -5.41 -10.65 -16.78
N ALA A 162 -4.77 -9.67 -16.12
CA ALA A 162 -5.54 -8.57 -15.52
C ALA A 162 -6.27 -7.77 -16.63
N LYS A 163 -5.65 -7.65 -17.82
CA LYS A 163 -6.26 -6.91 -18.95
C LYS A 163 -7.63 -7.45 -19.37
N THR A 164 -7.74 -8.77 -19.56
CA THR A 164 -9.01 -9.37 -19.99
C THR A 164 -9.85 -9.91 -18.83
N LYS A 165 -9.27 -9.96 -17.62
CA LYS A 165 -9.84 -10.56 -16.39
C LYS A 165 -9.79 -12.09 -16.41
N ASP A 166 -9.40 -12.73 -17.53
CA ASP A 166 -9.40 -14.20 -17.57
C ASP A 166 -8.48 -14.80 -16.53
N GLY A 167 -9.04 -15.70 -15.74
CA GLY A 167 -8.26 -16.40 -14.73
C GLY A 167 -8.12 -15.66 -13.42
N VAL A 168 -8.54 -14.37 -13.35
CA VAL A 168 -8.35 -13.61 -12.11
C VAL A 168 -9.21 -14.12 -10.97
N ARG A 169 -10.52 -14.34 -11.20
CA ARG A 169 -11.36 -14.86 -10.11
C ARG A 169 -10.86 -16.21 -9.59
N GLU A 170 -10.44 -17.07 -10.52
CA GLU A 170 -9.95 -18.41 -10.14
C GLU A 170 -8.72 -18.34 -9.22
N VAL A 171 -7.79 -17.39 -9.50
CA VAL A 171 -6.59 -17.24 -8.67
C VAL A 171 -6.98 -16.94 -7.22
N PHE A 172 -7.89 -15.91 -7.04
CA PHE A 172 -8.23 -15.52 -5.68
C PHE A 172 -9.12 -16.55 -4.96
N GLU A 173 -9.95 -17.29 -5.69
CA GLU A 173 -10.75 -18.36 -5.05
C GLU A 173 -9.77 -19.47 -4.60
N MET A 174 -8.79 -19.82 -5.45
CA MET A 174 -7.83 -20.88 -5.05
C MET A 174 -6.97 -20.38 -3.87
N ALA A 175 -6.55 -19.08 -3.89
CA ALA A 175 -5.79 -18.57 -2.74
C ALA A 175 -6.59 -18.69 -1.45
N THR A 176 -7.92 -18.47 -1.54
CA THR A 176 -8.77 -18.58 -0.35
C THR A 176 -8.80 -20.04 0.15
N ARG A 177 -8.94 -20.99 -0.78
CA ARG A 177 -8.89 -22.42 -0.41
C ARG A 177 -7.55 -22.77 0.25
N ALA A 178 -6.43 -22.29 -0.31
CA ALA A 178 -5.10 -22.56 0.26
C ALA A 178 -4.99 -21.98 1.66
N ALA A 179 -5.54 -20.74 1.86
CA ALA A 179 -5.49 -20.11 3.17
C ALA A 179 -6.29 -20.88 4.25
N LEU A 180 -7.34 -21.60 3.81
CA LEU A 180 -8.19 -22.36 4.72
C LEU A 180 -7.59 -23.72 5.11
N GLN A 181 -6.64 -24.25 4.33
CA GLN A 181 -6.07 -25.58 4.61
C GLN A 181 -5.23 -25.60 5.90
N ALA A 182 -5.29 -26.71 6.66
CA ALA A 182 -4.52 -26.80 7.91
C ALA A 182 -3.04 -27.02 7.62
N SER B 1 -12.56 12.07 7.81
CA SER B 1 -12.49 13.17 6.84
CA SER B 1 -12.48 13.19 6.87
C SER B 1 -13.72 14.09 6.94
N MET B 2 -13.63 15.33 6.40
CA MET B 2 -14.75 16.24 6.39
C MET B 2 -15.43 16.16 5.04
N GLU B 3 -16.76 16.33 5.03
CA GLU B 3 -17.59 16.15 3.85
C GLU B 3 -17.13 16.95 2.61
N MET B 4 -16.68 18.21 2.82
CA MET B 4 -16.23 19.03 1.68
CA MET B 4 -16.17 19.08 1.75
C MET B 4 -15.09 18.35 0.92
N ASP B 5 -14.09 17.81 1.63
CA ASP B 5 -12.97 17.15 0.94
C ASP B 5 -13.35 15.78 0.41
N GLU B 6 -14.21 15.05 1.14
CA GLU B 6 -14.68 13.73 0.64
C GLU B 6 -15.39 13.91 -0.71
N LYS B 7 -16.26 14.91 -0.82
CA LYS B 7 -16.98 15.13 -2.08
C LYS B 7 -16.02 15.58 -3.19
N ASP B 8 -15.05 16.45 -2.85
CA ASP B 8 -14.07 16.91 -3.86
C ASP B 8 -13.22 15.75 -4.39
N PHE B 9 -13.04 14.68 -3.60
CA PHE B 9 -12.22 13.52 -4.01
C PHE B 9 -13.05 12.22 -4.12
N ALA B 10 -14.36 12.35 -4.38
CA ALA B 10 -15.26 11.19 -4.49
C ALA B 10 -15.04 10.46 -5.81
N ALA B 11 -14.75 11.18 -6.89
CA ALA B 11 -14.61 10.59 -8.23
C ALA B 11 -13.39 9.67 -8.35
N ASP B 12 -13.45 8.70 -9.27
CA ASP B 12 -12.31 7.80 -9.45
C ASP B 12 -11.11 8.48 -10.11
N SER B 13 -11.27 9.67 -10.70
CA SER B 13 -10.16 10.37 -11.33
C SER B 13 -10.44 11.88 -11.40
N TRP B 14 -9.40 12.66 -11.74
CA TRP B 14 -9.57 14.10 -11.94
C TRP B 14 -10.49 14.30 -13.16
N SER B 15 -10.31 13.48 -14.23
CA SER B 15 -11.15 13.65 -15.44
CA SER B 15 -11.14 13.64 -15.43
C SER B 15 -12.63 13.43 -15.16
N LEU B 16 -12.96 12.64 -14.11
CA LEU B 16 -14.38 12.44 -13.73
C LEU B 16 -14.82 13.44 -12.63
N ALA B 17 -13.85 14.11 -11.95
CA ALA B 17 -14.16 15.09 -10.90
C ALA B 17 -14.55 16.46 -11.47
N VAL B 18 -13.84 16.89 -12.53
CA VAL B 18 -14.12 18.21 -13.12
C VAL B 18 -15.35 18.15 -14.04
N ASP B 19 -15.92 19.33 -14.38
CA ASP B 19 -17.04 19.37 -15.31
C ASP B 19 -16.54 18.89 -16.69
N SER B 20 -17.36 18.13 -17.45
CA SER B 20 -16.93 17.69 -18.79
C SER B 20 -16.59 18.87 -19.72
N SER B 21 -17.28 20.02 -19.59
CA SER B 21 -16.95 21.19 -20.43
C SER B 21 -15.58 21.77 -20.09
N PHE B 22 -15.07 21.57 -18.86
CA PHE B 22 -13.76 22.02 -18.47
C PHE B 22 -12.70 21.00 -18.96
N LEU B 23 -12.99 19.72 -18.79
CA LEU B 23 -12.10 18.63 -19.22
C LEU B 23 -11.77 18.78 -20.72
N GLN B 24 -12.80 19.09 -21.52
CA GLN B 24 -12.64 19.21 -22.97
C GLN B 24 -11.73 20.35 -23.42
N GLN B 25 -11.44 21.31 -22.54
CA GLN B 25 -10.52 22.40 -22.85
C GLN B 25 -9.05 22.04 -22.70
N HIS B 26 -8.72 20.84 -22.19
CA HIS B 26 -7.31 20.49 -21.95
C HIS B 26 -6.80 19.42 -22.88
N LYS B 27 -5.51 19.43 -23.12
CA LYS B 27 -4.86 18.40 -23.91
C LYS B 27 -4.77 17.11 -23.08
N LYS B 28 -4.68 15.97 -23.78
CA LYS B 28 -4.60 14.65 -23.14
C LYS B 28 -3.43 14.58 -22.14
N GLU B 29 -2.27 15.19 -22.47
CA GLU B 29 -1.11 15.09 -21.58
C GLU B 29 -1.39 15.76 -20.23
N VAL B 30 -2.13 16.90 -20.27
CA VAL B 30 -2.52 17.61 -19.06
C VAL B 30 -3.47 16.77 -18.25
N MET B 31 -4.46 16.15 -18.90
CA MET B 31 -5.39 15.26 -18.20
CA MET B 31 -5.39 15.25 -18.22
C MET B 31 -4.62 14.12 -17.50
N LYS B 32 -3.63 13.49 -18.20
CA LYS B 32 -2.87 12.38 -17.58
C LYS B 32 -2.08 12.85 -16.36
N GLN B 33 -1.45 14.06 -16.48
CA GLN B 33 -0.71 14.59 -15.32
C GLN B 33 -1.69 14.83 -14.13
N GLN B 34 -2.84 15.50 -14.43
CA GLN B 34 -3.77 15.84 -13.35
C GLN B 34 -4.41 14.62 -12.70
N ASP B 35 -4.65 13.55 -13.47
CA ASP B 35 -5.22 12.34 -12.87
C ASP B 35 -4.25 11.74 -11.81
N VAL B 36 -2.91 11.80 -12.06
CA VAL B 36 -1.98 11.22 -11.08
C VAL B 36 -1.84 12.14 -9.87
N ILE B 37 -1.83 13.49 -10.09
CA ILE B 37 -1.77 14.41 -8.95
C ILE B 37 -3.01 14.22 -8.07
N TYR B 38 -4.16 14.03 -8.70
CA TYR B 38 -5.42 13.80 -7.98
C TYR B 38 -5.32 12.50 -7.13
N GLU B 39 -4.71 11.43 -7.70
CA GLU B 39 -4.54 10.18 -6.93
C GLU B 39 -3.61 10.40 -5.74
N LEU B 40 -2.54 11.22 -5.92
CA LEU B 40 -1.64 11.51 -4.78
C LEU B 40 -2.47 12.19 -3.63
N ILE B 41 -3.26 13.23 -4.00
CA ILE B 41 -3.98 13.95 -2.94
C ILE B 41 -5.08 13.08 -2.35
N GLN B 42 -5.83 12.37 -3.21
CA GLN B 42 -6.92 11.50 -2.72
C GLN B 42 -6.34 10.43 -1.73
N THR B 43 -5.22 9.76 -2.10
CA THR B 43 -4.64 8.77 -1.18
C THR B 43 -4.03 9.42 0.10
N GLU B 44 -3.59 10.70 -0.02
CA GLU B 44 -3.09 11.39 1.20
C GLU B 44 -4.29 11.68 2.12
N LEU B 45 -5.44 12.12 1.54
CA LEU B 45 -6.66 12.33 2.35
C LEU B 45 -7.04 11.04 3.12
N HIS B 46 -7.00 9.87 2.40
CA HIS B 46 -7.36 8.59 3.03
C HIS B 46 -6.34 8.19 4.13
N HIS B 47 -5.05 8.54 3.90
CA HIS B 47 -4.00 8.20 4.89
C HIS B 47 -4.20 9.01 6.15
N VAL B 48 -4.55 10.33 5.99
CA VAL B 48 -4.83 11.14 7.19
C VAL B 48 -6.07 10.59 7.91
N ARG B 49 -7.07 10.14 7.16
CA ARG B 49 -8.26 9.52 7.76
C ARG B 49 -7.88 8.24 8.56
N THR B 50 -6.93 7.43 8.03
CA THR B 50 -6.47 6.23 8.77
C THR B 50 -5.87 6.64 10.13
N LEU B 51 -5.08 7.74 10.12
CA LEU B 51 -4.45 8.19 11.38
C LEU B 51 -5.54 8.71 12.33
N LYS B 52 -6.59 9.38 11.79
CA LYS B 52 -7.68 9.87 12.67
C LYS B 52 -8.46 8.69 13.27
N ILE B 53 -8.66 7.58 12.51
CA ILE B 53 -9.30 6.40 13.11
C ILE B 53 -8.43 5.86 14.27
N MET B 54 -7.11 5.81 14.07
CA MET B 54 -6.20 5.36 15.13
C MET B 54 -6.24 6.24 16.37
N THR B 55 -6.24 7.56 16.19
CA THR B 55 -6.22 8.47 17.35
C THR B 55 -7.59 8.66 17.97
N ARG B 56 -8.58 9.05 17.16
CA ARG B 56 -9.91 9.41 17.67
C ARG B 56 -10.80 8.24 18.04
N LEU B 57 -10.76 7.15 17.24
CA LEU B 57 -11.66 6.03 17.53
C LEU B 57 -10.99 4.99 18.43
N PHE B 58 -9.82 4.47 18.02
CA PHE B 58 -9.19 3.40 18.81
C PHE B 58 -8.51 3.91 20.07
N ARG B 59 -7.50 4.77 19.93
CA ARG B 59 -6.70 5.23 21.09
C ARG B 59 -7.59 5.91 22.15
N THR B 60 -8.39 6.90 21.73
CA THR B 60 -9.30 7.62 22.64
C THR B 60 -10.32 6.72 23.28
N GLY B 61 -10.93 5.83 22.50
CA GLY B 61 -11.91 4.91 23.03
C GLY B 61 -11.33 4.00 24.09
N MET B 62 -10.10 3.49 23.88
CA MET B 62 -9.47 2.63 24.88
C MET B 62 -9.18 3.43 26.15
N LEU B 63 -8.70 4.67 26.02
CA LEU B 63 -8.44 5.51 27.21
C LEU B 63 -9.73 5.82 27.97
N GLU B 64 -10.84 6.02 27.27
CA GLU B 64 -12.12 6.36 27.90
C GLU B 64 -12.99 5.23 28.44
N GLU B 65 -12.91 4.01 27.83
N GLU B 65 -13.26 4.19 27.64
CA GLU B 65 -13.71 2.86 28.23
CA GLU B 65 -14.19 3.14 28.07
C GLU B 65 -12.98 1.75 28.98
C GLU B 65 -13.50 1.99 28.77
N LEU B 66 -11.72 1.49 28.65
N LEU B 66 -12.24 1.74 28.45
CA LEU B 66 -11.01 0.34 29.20
CA LEU B 66 -11.48 0.67 29.09
C LEU B 66 -10.06 0.66 30.36
C LEU B 66 -10.54 1.17 30.18
N HIS B 67 -9.70 -0.38 31.14
N HIS B 67 -10.25 2.48 30.21
CA HIS B 67 -8.78 -0.22 32.26
CA HIS B 67 -9.33 3.11 31.16
C HIS B 67 -7.49 -0.93 31.87
C HIS B 67 -7.97 2.42 31.15
N LEU B 68 -6.74 -0.35 30.91
N LEU B 68 -7.51 2.02 29.96
CA LEU B 68 -5.50 -0.96 30.48
CA LEU B 68 -6.23 1.35 29.80
C LEU B 68 -4.34 -0.52 31.36
C LEU B 68 -5.10 2.32 30.14
N GLU B 69 -3.32 -1.35 31.49
N GLU B 69 -4.00 1.79 30.67
CA GLU B 69 -2.14 -1.00 32.27
CA GLU B 69 -2.82 2.57 31.05
C GLU B 69 -1.40 0.18 31.60
C GLU B 69 -2.24 3.26 29.82
N PRO B 70 -0.78 1.11 32.36
N PRO B 70 -1.86 4.55 29.96
CA PRO B 70 -0.09 2.24 31.71
CA PRO B 70 -1.29 5.28 28.81
C PRO B 70 0.99 1.79 30.72
C PRO B 70 -0.13 4.56 28.14
N GLY B 71 1.15 2.55 29.64
N GLY B 71 0.70 3.85 28.90
CA GLY B 71 2.11 2.23 28.58
CA GLY B 71 1.83 3.11 28.33
C GLY B 71 1.58 1.27 27.52
C GLY B 71 1.40 1.94 27.44
N VAL B 72 0.38 0.71 27.74
N VAL B 72 0.35 1.22 27.83
CA VAL B 72 -0.20 -0.23 26.78
CA VAL B 72 -0.16 0.08 27.06
C VAL B 72 -0.78 0.52 25.58
C VAL B 72 -0.70 0.61 25.72
N VAL B 73 -1.51 1.65 25.78
CA VAL B 73 -2.08 2.35 24.63
C VAL B 73 -0.99 2.97 23.73
N GLN B 74 0.09 3.51 24.33
CA GLN B 74 1.21 4.04 23.56
CA GLN B 74 1.22 4.04 23.59
C GLN B 74 1.90 2.90 22.78
N GLY B 75 1.94 1.69 23.36
CA GLY B 75 2.52 0.52 22.74
C GLY B 75 1.73 0.06 21.51
N LEU B 76 0.39 0.22 21.56
CA LEU B 76 -0.47 -0.18 20.45
C LEU B 76 -0.39 0.83 19.32
N PHE B 77 -0.28 2.13 19.65
CA PHE B 77 -0.30 3.21 18.67
C PHE B 77 0.93 4.10 18.76
N PRO B 78 2.12 3.54 18.49
CA PRO B 78 3.34 4.36 18.62
C PRO B 78 3.34 5.56 17.67
N CYS B 79 3.77 6.74 18.13
CA CYS B 79 4.00 7.92 17.28
C CYS B 79 2.78 8.45 16.54
N VAL B 80 1.56 8.03 16.88
CA VAL B 80 0.40 8.42 16.06
CA VAL B 80 0.40 8.41 16.08
C VAL B 80 0.14 9.92 16.08
N ASP B 81 0.38 10.59 17.21
CA ASP B 81 0.13 12.06 17.20
C ASP B 81 1.13 12.78 16.29
N GLU B 82 2.40 12.36 16.31
CA GLU B 82 3.43 12.98 15.47
CA GLU B 82 3.41 13.00 15.46
C GLU B 82 3.12 12.70 13.98
N LEU B 83 2.71 11.46 13.67
CA LEU B 83 2.40 11.10 12.28
C LEU B 83 1.18 11.91 11.82
N SER B 84 0.19 12.09 12.71
CA SER B 84 -1.00 12.88 12.35
C SER B 84 -0.58 14.33 12.05
N ASP B 85 0.31 14.92 12.86
CA ASP B 85 0.72 16.32 12.63
C ASP B 85 1.49 16.44 11.29
N ILE B 86 2.39 15.49 11.01
CA ILE B 86 3.15 15.54 9.75
C ILE B 86 2.20 15.53 8.53
N HIS B 87 1.31 14.52 8.50
CA HIS B 87 0.49 14.32 7.30
C HIS B 87 -0.67 15.30 7.22
N THR B 88 -1.23 15.75 8.36
CA THR B 88 -2.35 16.72 8.27
C THR B 88 -1.79 18.03 7.69
N ARG B 89 -0.54 18.41 8.10
CA ARG B 89 0.06 19.62 7.55
C ARG B 89 0.34 19.46 6.05
N PHE B 90 0.85 18.28 5.63
CA PHE B 90 1.16 18.06 4.21
C PHE B 90 -0.14 18.10 3.41
N LEU B 91 -1.18 17.45 3.95
CA LEU B 91 -2.49 17.42 3.24
C LEU B 91 -3.03 18.85 3.14
N SER B 92 -2.87 19.65 4.22
CA SER B 92 -3.36 21.03 4.18
CA SER B 92 -3.35 21.03 4.19
C SER B 92 -2.71 21.81 3.02
N GLN B 93 -1.41 21.62 2.83
CA GLN B 93 -0.70 22.32 1.74
C GLN B 93 -1.16 21.83 0.38
N LEU B 94 -1.37 20.50 0.23
CA LEU B 94 -1.85 19.99 -1.08
C LEU B 94 -3.24 20.57 -1.40
N LEU B 95 -4.15 20.59 -0.39
CA LEU B 95 -5.50 21.08 -0.59
C LEU B 95 -5.52 22.59 -0.82
N GLU B 96 -4.57 23.32 -0.22
CA GLU B 96 -4.53 24.77 -0.46
C GLU B 96 -4.05 25.04 -1.90
N ARG B 97 -3.11 24.24 -2.42
CA ARG B 97 -2.64 24.42 -3.80
C ARG B 97 -3.82 24.19 -4.78
N ARG B 98 -4.62 23.15 -4.51
CA ARG B 98 -5.80 22.88 -5.33
C ARG B 98 -6.82 24.06 -5.22
N ARG B 99 -7.11 24.50 -3.99
CA ARG B 99 -8.10 25.55 -3.80
CA ARG B 99 -8.07 25.58 -3.73
C ARG B 99 -7.69 26.85 -4.51
N GLN B 100 -6.40 27.24 -4.41
CA GLN B 100 -5.94 28.45 -5.12
C GLN B 100 -6.10 28.29 -6.64
N ALA B 101 -6.00 27.05 -7.15
CA ALA B 101 -6.08 26.83 -8.61
C ALA B 101 -7.53 26.80 -9.14
N LEU B 102 -8.55 26.79 -8.24
CA LEU B 102 -9.94 26.72 -8.74
C LEU B 102 -10.30 27.91 -9.63
N CYS B 103 -11.11 27.67 -10.67
CA CYS B 103 -11.62 28.78 -11.47
C CYS B 103 -12.65 29.51 -10.64
N PRO B 104 -12.74 30.85 -10.76
CA PRO B 104 -13.83 31.56 -10.09
C PRO B 104 -15.18 31.02 -10.55
N GLY B 105 -16.09 30.87 -9.60
CA GLY B 105 -17.41 30.34 -9.86
C GLY B 105 -17.44 28.81 -9.79
N SER B 106 -16.29 28.15 -9.53
CA SER B 106 -16.26 26.69 -9.44
C SER B 106 -15.69 26.21 -8.14
N THR B 107 -16.20 25.05 -7.65
CA THR B 107 -15.57 24.40 -6.51
C THR B 107 -14.94 23.07 -6.97
N ARG B 108 -14.90 22.78 -8.33
CA ARG B 108 -14.32 21.53 -8.77
C ARG B 108 -13.31 21.63 -9.92
N ASN B 109 -13.35 22.72 -10.70
CA ASN B 109 -12.47 22.84 -11.86
C ASN B 109 -11.16 23.56 -11.53
N PHE B 110 -10.04 22.81 -11.63
CA PHE B 110 -8.71 23.34 -11.38
C PHE B 110 -7.67 22.53 -12.14
N VAL B 111 -6.47 23.14 -12.31
CA VAL B 111 -5.29 22.43 -12.80
C VAL B 111 -4.13 22.82 -11.86
N ILE B 112 -3.39 21.84 -11.30
CA ILE B 112 -2.20 22.15 -10.50
C ILE B 112 -0.99 22.03 -11.43
N HIS B 113 -0.32 23.14 -11.67
CA HIS B 113 0.85 23.16 -12.56
C HIS B 113 2.16 23.10 -11.84
N ARG B 114 2.20 23.40 -10.49
N ARG B 114 2.15 23.48 -10.56
CA ARG B 114 3.45 23.56 -9.72
CA ARG B 114 3.29 23.56 -9.71
C ARG B 114 3.65 22.70 -8.46
C ARG B 114 2.99 22.70 -8.52
N LEU B 115 3.33 21.42 -8.58
N LEU B 115 3.55 21.49 -8.54
CA LEU B 115 3.46 20.52 -7.44
CA LEU B 115 3.47 20.55 -7.43
C LEU B 115 4.91 20.27 -6.98
C LEU B 115 4.91 20.26 -6.97
N GLY B 116 5.86 20.20 -7.91
CA GLY B 116 7.25 19.90 -7.57
C GLY B 116 7.84 20.68 -6.41
N ASP B 117 7.61 22.00 -6.36
CA ASP B 117 8.18 22.81 -5.28
CA ASP B 117 8.16 22.83 -5.29
C ASP B 117 7.61 22.43 -3.93
N LEU B 118 6.32 22.08 -3.89
CA LEU B 118 5.68 21.69 -2.61
C LEU B 118 6.31 20.35 -2.16
N LEU B 119 6.53 19.42 -3.10
CA LEU B 119 7.14 18.14 -2.74
C LEU B 119 8.59 18.31 -2.27
N ILE B 120 9.37 19.21 -2.91
CA ILE B 120 10.76 19.45 -2.46
C ILE B 120 10.72 19.97 -1.02
N SER B 121 9.82 20.92 -0.74
CA SER B 121 9.71 21.48 0.61
CA SER B 121 9.69 21.48 0.61
C SER B 121 9.33 20.38 1.63
N GLN B 122 8.32 19.55 1.31
CA GLN B 122 7.93 18.48 2.24
C GLN B 122 9.07 17.51 2.55
N PHE B 123 9.83 17.13 1.52
CA PHE B 123 10.86 16.12 1.64
C PHE B 123 12.29 16.66 1.79
N SER B 124 12.42 17.89 2.29
CA SER B 124 13.73 18.47 2.64
C SER B 124 13.63 19.26 3.96
N GLY B 125 14.79 19.68 4.51
CA GLY B 125 14.81 20.48 5.72
C GLY B 125 14.21 19.82 6.96
N PRO B 126 13.76 20.63 7.91
CA PRO B 126 13.21 20.07 9.16
C PRO B 126 12.01 19.12 8.98
N SER B 127 11.12 19.34 8.00
CA SER B 127 9.98 18.42 7.86
C SER B 127 10.51 17.02 7.43
N ALA B 128 11.54 16.95 6.56
CA ALA B 128 12.10 15.62 6.18
C ALA B 128 12.77 14.96 7.39
N GLU B 129 13.50 15.75 8.21
CA GLU B 129 14.15 15.19 9.41
C GLU B 129 13.08 14.62 10.37
N GLN B 130 11.95 15.34 10.53
CA GLN B 130 10.88 14.84 11.40
CA GLN B 130 10.85 14.89 11.36
C GLN B 130 10.25 13.58 10.80
N MET B 131 10.03 13.54 9.46
CA MET B 131 9.47 12.32 8.85
C MET B 131 10.43 11.13 9.07
N CYS B 132 11.74 11.36 8.87
CA CYS B 132 12.70 10.28 9.06
C CYS B 132 12.69 9.78 10.51
N LYS B 133 12.76 10.72 11.46
CA LYS B 133 12.81 10.32 12.89
C LYS B 133 11.53 9.54 13.28
N THR B 134 10.36 10.05 12.84
CA THR B 134 9.09 9.46 13.23
C THR B 134 8.88 8.09 12.60
N TYR B 135 9.15 7.95 11.27
CA TYR B 135 8.98 6.62 10.63
C TYR B 135 10.03 5.63 11.11
N SER B 136 11.26 6.10 11.43
CA SER B 136 12.27 5.12 11.93
C SER B 136 11.78 4.54 13.29
N GLU B 137 11.16 5.41 14.12
CA GLU B 137 10.64 4.98 15.41
CA GLU B 137 10.64 4.92 15.40
C GLU B 137 9.38 4.09 15.20
N PHE B 138 8.41 4.58 14.38
CA PHE B 138 7.18 3.83 14.14
C PHE B 138 7.46 2.44 13.57
N CYS B 139 8.23 2.38 12.49
CA CYS B 139 8.47 1.10 11.83
C CYS B 139 9.28 0.16 12.72
N SER B 140 10.12 0.72 13.63
CA SER B 140 10.84 -0.20 14.56
C SER B 140 9.93 -0.75 15.69
N ARG B 141 8.75 -0.15 15.88
CA ARG B 141 7.81 -0.56 16.93
C ARG B 141 6.59 -1.29 16.37
N HIS B 142 6.60 -1.55 15.04
CA HIS B 142 5.48 -2.14 14.31
C HIS B 142 5.22 -3.56 14.82
N SER B 143 6.25 -4.44 14.85
CA SER B 143 6.05 -5.82 15.32
CA SER B 143 6.04 -5.81 15.31
C SER B 143 5.52 -5.89 16.75
N LYS B 144 6.05 -5.04 17.64
CA LYS B 144 5.67 -5.01 19.04
C LYS B 144 4.20 -4.58 19.18
N ALA B 145 3.77 -3.59 18.37
CA ALA B 145 2.36 -3.15 18.43
C ALA B 145 1.43 -4.28 18.05
N LEU B 146 1.77 -5.02 16.95
CA LEU B 146 0.91 -6.15 16.52
C LEU B 146 0.82 -7.25 17.57
N LYS B 147 1.95 -7.57 18.21
CA LYS B 147 1.96 -8.62 19.24
C LYS B 147 1.20 -8.21 20.49
N LEU B 148 1.29 -6.92 20.87
CA LEU B 148 0.56 -6.43 22.04
C LEU B 148 -0.94 -6.49 21.76
N TYR B 149 -1.36 -6.14 20.53
CA TYR B 149 -2.77 -6.17 20.15
C TYR B 149 -3.30 -7.62 20.24
N LYS B 150 -2.55 -8.56 19.66
CA LYS B 150 -2.99 -9.96 19.65
C LYS B 150 -3.15 -10.52 21.07
N GLU B 151 -2.23 -10.16 21.94
CA GLU B 151 -2.25 -10.62 23.33
CA GLU B 151 -2.25 -10.60 23.34
C GLU B 151 -3.49 -10.10 24.07
N LEU B 152 -3.80 -8.80 23.89
CA LEU B 152 -4.96 -8.21 24.56
C LEU B 152 -6.26 -8.74 24.01
N TYR B 153 -6.37 -8.93 22.70
CA TYR B 153 -7.62 -9.43 22.09
C TYR B 153 -7.94 -10.84 22.60
N ALA B 154 -6.91 -11.67 22.78
CA ALA B 154 -7.11 -13.05 23.19
C ALA B 154 -7.34 -13.24 24.69
N ARG B 155 -6.89 -12.29 25.53
CA ARG B 155 -6.99 -12.46 26.97
CA ARG B 155 -6.94 -12.43 26.98
C ARG B 155 -7.93 -11.51 27.71
N ASP B 156 -8.23 -10.34 27.13
CA ASP B 156 -9.10 -9.36 27.81
C ASP B 156 -10.48 -9.25 27.17
N LYS B 157 -11.53 -9.70 27.90
CA LYS B 157 -12.92 -9.66 27.43
C LYS B 157 -13.40 -8.27 27.09
N ARG B 158 -13.17 -7.28 27.97
CA ARG B 158 -13.63 -5.92 27.70
C ARG B 158 -12.91 -5.36 26.43
N PHE B 159 -11.64 -5.72 26.23
CA PHE B 159 -10.88 -5.27 25.04
C PHE B 159 -11.46 -5.86 23.77
N GLN B 160 -11.75 -7.18 23.78
CA GLN B 160 -12.32 -7.86 22.62
C GLN B 160 -13.69 -7.25 22.29
N GLN B 161 -14.54 -7.03 23.33
CA GLN B 161 -15.86 -6.42 23.09
C GLN B 161 -15.71 -5.01 22.50
N PHE B 162 -14.76 -4.22 23.02
CA PHE B 162 -14.50 -2.87 22.53
C PHE B 162 -14.10 -2.91 21.04
N ILE B 163 -13.17 -3.81 20.67
CA ILE B 163 -12.70 -3.86 19.26
C ILE B 163 -13.86 -4.27 18.35
N ARG B 164 -14.61 -5.32 18.76
CA ARG B 164 -15.72 -5.79 17.94
C ARG B 164 -16.78 -4.68 17.79
N LYS B 165 -16.95 -3.83 18.83
CA LYS B 165 -17.92 -2.74 18.78
C LYS B 165 -17.48 -1.65 17.78
N VAL B 166 -16.25 -1.13 17.95
CA VAL B 166 -15.78 -0.02 17.12
C VAL B 166 -15.44 -0.40 15.70
N THR B 167 -15.17 -1.69 15.42
CA THR B 167 -14.88 -2.13 14.05
C THR B 167 -16.06 -2.76 13.35
N ARG B 168 -17.25 -2.78 13.96
CA ARG B 168 -18.43 -3.37 13.32
C ARG B 168 -18.94 -2.62 12.10
N PRO B 169 -18.94 -1.27 12.05
CA PRO B 169 -19.53 -0.59 10.89
C PRO B 169 -18.83 -0.95 9.57
N ALA B 170 -19.61 -1.04 8.48
CA ALA B 170 -19.03 -1.38 7.17
C ALA B 170 -17.91 -0.39 6.76
N VAL B 171 -18.01 0.89 7.15
CA VAL B 171 -16.97 1.86 6.76
C VAL B 171 -15.61 1.55 7.40
N LEU B 172 -15.56 0.69 8.44
CA LEU B 172 -14.28 0.30 9.07
C LEU B 172 -13.78 -1.08 8.58
N LYS B 173 -14.37 -1.62 7.50
CA LYS B 173 -14.04 -2.98 7.06
C LYS B 173 -12.56 -3.21 6.77
N ARG B 174 -11.89 -2.19 6.19
CA ARG B 174 -10.45 -2.29 5.85
C ARG B 174 -9.55 -1.71 6.94
N HIS B 175 -10.12 -1.23 8.09
CA HIS B 175 -9.40 -0.46 9.08
C HIS B 175 -9.42 -1.00 10.50
N GLY B 176 -9.22 -2.30 10.65
CA GLY B 176 -8.96 -2.83 12.00
C GLY B 176 -7.60 -2.31 12.50
N VAL B 177 -7.26 -2.58 13.77
CA VAL B 177 -6.01 -2.07 14.35
C VAL B 177 -4.77 -2.48 13.56
N GLN B 178 -4.64 -3.79 13.28
CA GLN B 178 -3.44 -4.24 12.58
C GLN B 178 -3.39 -3.73 11.14
N GLU B 179 -4.55 -3.58 10.51
CA GLU B 179 -4.65 -3.09 9.14
C GLU B 179 -4.22 -1.61 9.10
N CYS B 180 -4.64 -0.81 10.11
CA CYS B 180 -4.21 0.61 10.15
C CYS B 180 -2.67 0.69 10.28
N ILE B 181 -2.08 -0.16 11.16
CA ILE B 181 -0.61 -0.11 11.35
C ILE B 181 0.12 -0.38 10.03
N LEU B 182 -0.33 -1.45 9.30
CA LEU B 182 0.36 -1.74 8.03
C LEU B 182 0.07 -0.67 6.93
N LEU B 183 -1.16 -0.09 6.91
CA LEU B 183 -1.45 1.00 5.96
C LEU B 183 -0.48 2.18 6.18
N VAL B 184 -0.17 2.46 7.45
CA VAL B 184 0.73 3.60 7.75
C VAL B 184 2.18 3.26 7.35
N THR B 185 2.67 2.05 7.71
CA THR B 185 4.00 1.64 7.31
C THR B 185 4.18 1.64 5.80
N GLN B 186 3.12 1.21 5.06
CA GLN B 186 3.26 1.17 3.60
C GLN B 186 3.09 2.51 2.92
N ARG B 187 2.60 3.55 3.64
CA ARG B 187 2.35 4.83 2.95
C ARG B 187 3.62 5.42 2.34
N ILE B 188 4.71 5.42 3.11
CA ILE B 188 5.92 6.10 2.66
C ILE B 188 6.49 5.52 1.36
N THR B 189 6.33 4.17 1.17
CA THR B 189 6.84 3.59 -0.06
C THR B 189 5.86 3.75 -1.25
N LYS B 190 4.69 4.40 -1.09
CA LYS B 190 3.85 4.67 -2.26
C LYS B 190 4.32 5.98 -2.95
N TYR B 191 5.01 6.88 -2.21
CA TYR B 191 5.35 8.20 -2.78
C TYR B 191 6.22 8.13 -4.04
N PRO B 192 7.28 7.27 -4.12
CA PRO B 192 8.09 7.28 -5.35
C PRO B 192 7.29 6.88 -6.57
N LEU B 193 6.39 5.89 -6.41
CA LEU B 193 5.58 5.36 -7.49
CA LEU B 193 5.63 5.42 -7.56
C LEU B 193 4.69 6.52 -8.07
N LEU B 194 4.05 7.27 -7.15
CA LEU B 194 3.15 8.35 -7.57
C LEU B 194 3.96 9.51 -8.19
N ILE B 195 5.06 9.90 -7.54
CA ILE B 195 5.88 11.02 -8.07
C ILE B 195 6.48 10.68 -9.43
N SER B 196 6.98 9.43 -9.60
CA SER B 196 7.55 9.06 -10.89
CA SER B 196 7.56 9.07 -10.90
CA SER B 196 7.55 9.06 -10.90
C SER B 196 6.51 9.14 -12.01
N ARG B 197 5.26 8.74 -11.72
CA ARG B 197 4.24 8.79 -12.78
C ARG B 197 3.81 10.25 -13.06
N ILE B 198 3.76 11.10 -12.01
CA ILE B 198 3.48 12.53 -12.24
C ILE B 198 4.59 13.13 -13.14
N LEU B 199 5.83 12.79 -12.83
CA LEU B 199 7.00 13.29 -13.57
C LEU B 199 6.92 12.87 -15.05
N GLN B 200 6.50 11.63 -15.32
CA GLN B 200 6.34 11.13 -16.69
C GLN B 200 5.45 12.03 -17.56
N HIS B 201 4.46 12.70 -16.93
CA HIS B 201 3.54 13.58 -17.64
C HIS B 201 3.79 15.06 -17.33
N SER B 202 5.01 15.41 -16.88
CA SER B 202 5.29 16.80 -16.53
C SER B 202 6.46 17.39 -17.31
N HIS B 203 6.67 16.92 -18.56
CA HIS B 203 7.79 17.44 -19.34
C HIS B 203 7.53 18.79 -20.04
N GLY B 204 6.28 19.22 -20.09
CA GLY B 204 5.89 20.44 -20.81
C GLY B 204 6.55 21.72 -20.32
N ILE B 205 6.83 21.77 -18.99
CA ILE B 205 7.51 22.92 -18.40
CA ILE B 205 7.50 22.93 -18.39
C ILE B 205 8.80 22.37 -17.81
N GLU B 206 9.95 22.76 -18.36
CA GLU B 206 11.23 22.21 -17.89
C GLU B 206 11.52 22.47 -16.41
N GLU B 207 11.12 23.65 -15.88
CA GLU B 207 11.31 23.89 -14.43
C GLU B 207 10.51 22.86 -13.58
N GLU B 208 9.35 22.43 -14.10
CA GLU B 208 8.53 21.47 -13.34
C GLU B 208 9.13 20.09 -13.40
N ARG B 209 9.62 19.71 -14.58
CA ARG B 209 10.29 18.40 -14.73
C ARG B 209 11.52 18.35 -13.78
N GLN B 210 12.31 19.45 -13.75
CA GLN B 210 13.47 19.47 -12.85
C GLN B 210 13.05 19.38 -11.38
N ASP B 211 12.00 20.13 -10.99
CA ASP B 211 11.57 20.11 -9.59
C ASP B 211 11.06 18.72 -9.16
N LEU B 212 10.30 18.04 -10.02
CA LEU B 212 9.81 16.70 -9.65
C LEU B 212 10.96 15.69 -9.63
N THR B 213 12.00 15.89 -10.48
CA THR B 213 13.16 15.00 -10.44
C THR B 213 13.91 15.18 -9.11
N THR B 214 14.05 16.44 -8.65
CA THR B 214 14.66 16.71 -7.36
C THR B 214 13.83 16.09 -6.23
N ALA B 215 12.50 16.24 -6.29
CA ALA B 215 11.62 15.68 -5.24
C ALA B 215 11.73 14.18 -5.19
N LEU B 216 11.79 13.52 -6.34
CA LEU B 216 11.87 12.05 -6.37
C LEU B 216 13.16 11.60 -5.68
N GLY B 217 14.26 12.30 -5.95
CA GLY B 217 15.52 11.96 -5.31
C GLY B 217 15.46 12.13 -3.79
N LEU B 218 14.81 13.22 -3.33
CA LEU B 218 14.71 13.46 -1.89
C LEU B 218 13.86 12.37 -1.20
N VAL B 219 12.75 11.97 -1.85
CA VAL B 219 11.90 10.92 -1.25
C VAL B 219 12.67 9.60 -1.16
N LYS B 220 13.44 9.25 -2.20
CA LYS B 220 14.21 7.98 -2.15
C LYS B 220 15.31 8.07 -1.06
N GLU B 221 15.90 9.26 -0.86
CA GLU B 221 16.92 9.45 0.18
CA GLU B 221 16.93 9.42 0.19
C GLU B 221 16.27 9.22 1.56
N LEU B 222 15.06 9.78 1.78
CA LEU B 222 14.34 9.62 3.05
C LEU B 222 14.06 8.11 3.28
N LEU B 223 13.56 7.44 2.25
CA LEU B 223 13.23 6.00 2.39
C LEU B 223 14.47 5.17 2.72
N SER B 224 15.62 5.49 2.08
CA SER B 224 16.84 4.74 2.37
CA SER B 224 16.85 4.76 2.36
C SER B 224 17.28 4.97 3.81
N ASN B 225 17.15 6.21 4.31
CA ASN B 225 17.54 6.52 5.69
C ASN B 225 16.61 5.81 6.69
N VAL B 226 15.29 5.81 6.42
CA VAL B 226 14.36 5.13 7.32
C VAL B 226 14.69 3.60 7.34
N ASP B 227 14.84 3.00 6.14
CA ASP B 227 15.09 1.57 6.02
C ASP B 227 16.38 1.18 6.78
N GLU B 228 17.43 2.02 6.70
CA GLU B 228 18.67 1.71 7.42
C GLU B 228 18.55 1.95 8.95
N GLY B 229 17.54 2.70 9.38
CA GLY B 229 17.38 3.02 10.79
C GLY B 229 16.41 2.16 11.54
N ILE B 230 15.97 1.02 10.96
CA ILE B 230 14.99 0.16 11.60
C ILE B 230 15.59 -1.11 12.20
N TYR B 231 15.17 -1.46 13.41
CA TYR B 231 15.47 -2.73 14.06
C TYR B 231 14.28 -2.99 14.95
N GLN B 232 13.59 -4.14 14.78
CA GLN B 232 12.40 -4.39 15.56
C GLN B 232 12.61 -4.53 17.05
N LEU B 233 11.88 -3.75 17.82
CA LEU B 233 11.86 -3.85 19.26
C LEU B 233 10.97 -5.05 19.62
N GLU B 234 11.31 -5.70 20.72
CA GLU B 234 10.54 -6.87 21.16
C GLU B 234 10.36 -6.79 22.65
N LYS B 235 9.13 -6.96 23.13
CA LYS B 235 8.87 -6.92 24.58
C LYS B 235 9.61 -8.07 25.25
N GLY B 236 10.29 -7.78 26.35
CA GLY B 236 11.07 -8.78 27.08
C GLY B 236 12.37 -9.18 26.38
N ALA B 237 12.84 -8.33 25.45
CA ALA B 237 14.07 -8.63 24.73
C ALA B 237 15.24 -8.53 25.68
N ARG B 238 16.16 -9.49 25.62
CA ARG B 238 17.34 -9.43 26.48
C ARG B 238 18.46 -8.76 25.73
N LEU B 239 19.34 -8.07 26.47
CA LEU B 239 20.46 -7.37 25.86
CA LEU B 239 20.47 -7.38 25.85
C LEU B 239 21.32 -8.31 24.96
N GLN B 240 21.52 -9.56 25.41
CA GLN B 240 22.30 -10.52 24.64
C GLN B 240 21.67 -10.79 23.27
N GLU B 241 20.32 -10.87 23.18
CA GLU B 241 19.64 -11.04 21.90
C GLU B 241 19.82 -9.80 21.01
N ILE B 242 19.95 -8.62 21.63
CA ILE B 242 20.13 -7.37 20.90
C ILE B 242 21.51 -7.27 20.31
N TYR B 243 22.59 -7.46 21.10
CA TYR B 243 23.93 -7.29 20.54
C TYR B 243 24.45 -8.51 19.78
N ASN B 244 23.68 -9.60 19.68
CA ASN B 244 24.05 -10.76 18.85
C ASN B 244 23.07 -10.83 17.65
N ARG B 245 23.51 -11.41 16.51
CA ARG B 245 22.62 -11.55 15.35
C ARG B 245 21.72 -12.79 15.46
N1 UWS C . -0.72 -23.39 -23.35
C4 UWS C . 0.15 -23.47 -25.59
C5 UWS C . -1.37 -22.83 -22.36
C6 UWS C . -1.55 -23.61 -21.06
C7 UWS C . -1.89 -21.56 -22.50
C8 UWS C . -1.74 -20.89 -23.70
N UWS C . -0.56 -22.74 -24.54
C UWS C . 4.51 -20.84 -25.01
O UWS C . -0.89 -20.91 -25.74
C1 UWS C . 3.37 -21.63 -25.61
C2 UWS C . 2.29 -22.14 -24.94
C3 UWS C . 1.49 -22.78 -25.86
C9 UWS C . -1.05 -21.51 -24.73
N2 UWS C . 3.24 -21.94 -26.90
O1 UWS C . 2.09 -22.65 -27.06
N1 UWS D . 17.89 -15.26 1.52
C4 UWS D . 15.86 -13.92 1.89
C5 UWS D . 18.87 -15.67 0.77
C6 UWS D . 19.89 -16.67 1.32
C7 UWS D . 18.99 -15.20 -0.53
C8 UWS D . 18.07 -14.28 -1.01
N UWS D . 16.97 -14.34 1.06
C UWS D . 17.06 -15.35 6.70
O UWS D . 16.21 -13.13 -0.58
C1 UWS D . 16.59 -14.55 5.49
C2 UWS D . 16.56 -14.99 4.18
C3 UWS D . 16.09 -13.94 3.41
C9 UWS D . 17.03 -13.88 -0.18
N2 UWS D . 16.12 -13.31 5.51
O1 UWS D . 15.79 -12.94 4.26
S DMS E . -1.69 -23.93 -15.65
O DMS E . -0.56 -24.94 -15.93
C1 DMS E . -3.24 -24.85 -15.66
C2 DMS E . -1.93 -23.04 -17.21
C FMT F . 3.41 -31.02 -12.93
O1 FMT F . 2.29 -31.25 -12.47
O2 FMT F . 3.69 -29.96 -13.68
C FMT G . -13.72 -3.70 0.70
O1 FMT G . -12.65 -3.64 1.31
O2 FMT G . -14.52 -2.61 0.41
C FMT H . 1.13 -20.97 8.91
O1 FMT H . 1.34 -19.91 9.48
O2 FMT H . 0.00 -21.27 8.21
C FMT I . 13.88 -9.37 -4.43
O1 FMT I . 15.02 -9.40 -4.85
O2 FMT I . 13.44 -10.06 -3.37
C FMT J . 10.40 -14.88 11.21
O1 FMT J . 11.53 -15.29 11.42
O2 FMT J . 9.29 -15.67 11.12
C FMT K . 8.77 -9.24 9.76
O1 FMT K . 8.12 -10.11 9.21
O2 FMT K . 8.24 -8.25 10.50
C FMT L . -1.30 -6.68 9.64
O1 FMT L . -2.19 -6.26 8.85
O2 FMT L . -0.19 -7.30 9.24
N1 UWS M . 23.68 -4.80 15.46
C4 UWS M . 21.34 -4.87 14.86
C5 UWS M . 24.77 -5.34 15.95
C6 UWS M . 26.06 -4.55 15.97
C7 UWS M . 24.73 -6.59 16.51
C8 UWS M . 23.55 -7.31 16.51
N UWS M . 22.50 -5.47 15.47
C UWS M . 19.11 -2.42 18.85
O UWS M . 21.39 -7.29 15.92
C1 UWS M . 19.69 -2.81 17.50
C2 UWS M . 20.35 -3.98 17.15
C3 UWS M . 20.67 -3.87 15.80
C9 UWS M . 22.44 -6.71 15.92
N2 UWS M . 19.56 -2.07 16.42
O1 UWS M . 20.18 -2.69 15.37
S DMS N . -7.89 30.75 -11.59
O DMS N . -7.04 30.36 -10.38
C1 DMS N . -7.81 29.35 -12.74
C2 DMS N . -6.85 31.89 -12.60
S DMS O . 2.74 18.87 -18.38
O DMS O . 3.61 18.29 -19.50
C1 DMS O . 1.10 18.31 -18.90
C2 DMS O . 2.53 20.64 -18.67
S DMS P . -8.45 15.15 -23.59
O DMS P . -9.27 15.83 -22.52
C1 DMS P . -8.85 15.91 -25.18
C2 DMS P . -9.22 13.54 -23.94
S DMS Q . 18.54 -8.12 30.04
O DMS Q . 19.82 -8.40 29.37
C1 DMS Q . 18.60 -6.45 30.75
C2 DMS Q . 18.51 -8.94 31.65
C FMT R . 3.26 26.79 -15.20
O1 FMT R . 3.71 27.49 -14.31
O2 FMT R . 3.50 25.47 -15.32
C FMT S . 0.02 25.58 -9.03
O1 FMT S . 0.28 24.56 -8.49
O2 FMT S . -0.64 25.64 -10.18
C FMT T . 0.14 2.69 -14.72
O1 FMT T . 1.12 3.31 -14.30
O2 FMT T . -0.88 2.23 -13.92
C FMT U . 10.82 5.10 -8.61
O1 FMT U . 11.29 5.51 -9.67
O2 FMT U . 9.57 4.60 -8.47
C FMT V . 8.81 9.82 17.33
O1 FMT V . 9.95 10.08 17.03
O2 FMT V . 7.74 10.52 16.91
C FMT W . 11.10 -1.97 24.38
O1 FMT W . 9.99 -1.84 23.91
O2 FMT W . 12.16 -2.31 23.68
C FMT X . 1.17 26.78 -19.21
O1 FMT X . 1.31 26.24 -20.30
O2 FMT X . -0.03 26.95 -18.59
C FMT Y . 19.22 -3.85 11.69
O1 FMT Y . 18.89 -5.03 11.58
O2 FMT Y . 20.50 -3.43 11.71
#